data_3UPX
#
_entry.id   3UPX
#
_cell.length_a   48.290
_cell.length_b   72.930
_cell.length_c   66.920
_cell.angle_alpha   90.000
_cell.angle_beta   101.020
_cell.angle_gamma   90.000
#
_symmetry.space_group_name_H-M   'P 1 21 1'
#
loop_
_entity.id
_entity.type
_entity.pdbx_description
1 polymer 'Calmodulin-domain protein kinase 1'
2 non-polymer [2-amino-1-(piperidin-4-ylmethyl)-1H-benzimidazol-6-yl](phenyl)methanone
3 water water
#
_entity_poly.entity_id   1
_entity_poly.type   'polypeptide(L)'
_entity_poly.pdbx_seq_one_letter_code
;GPGSMMDHLHATPGMFVQHSTAIFSDRYKGQRVLGKGSFGEVILCKDKITGQECAVKVISKRQVKQKTDKESLLREVQLL
KQLDHPNIMKLYEFFEDKGYFYLVGEVYTGGELFDEIISRKRFSEVDAARIIRQVLSGITYMHKNKIVHRDLKPENLLLE
SKSKDANIRIIDFGLSTHFEASKKMKDKIGTAYYIAPEVLHGTYDEKCDVWSTGVILYILLSGCPPFNGANEYDILKKVE
KGKYTFELPQWKKVSESAKDLIRKMLTYVPSMRISARDALDHEWIQTYTKEQISVDVPSLDNAILNIRQFQGTQKLAQAA
LLYMGSKLTSQDETKELTAIFHKMDKNGDGQLDRAELIEGYKELMRMKGQDASMLDASAVEHEVDQVLDAVDFDKNGYIE
YSEFVTVAMDRKTLLSRERLERAFRMFDSDNSGKISSTELATIFGVSDVDSETWKSVLSEVDKNNDGEVDFDEFQQMLLK
LCGN
;
_entity_poly.pdbx_strand_id   A
#
loop_
_chem_comp.id
_chem_comp.type
_chem_comp.name
_chem_comp.formula
B6A non-polymer [2-amino-1-(piperidin-4-ylmethyl)-1H-benzimidazol-6-yl](phenyl)methanone 'C20 H22 N4 O'
#
# COMPACT_ATOMS: atom_id res chain seq x y z
N THR A 21 21.54 -12.00 -21.89
CA THR A 21 20.45 -11.88 -20.88
C THR A 21 20.84 -12.60 -19.57
N ALA A 22 20.32 -12.10 -18.45
CA ALA A 22 20.69 -12.58 -17.11
C ALA A 22 19.45 -12.80 -16.24
N ILE A 23 19.42 -13.91 -15.52
CA ILE A 23 18.22 -14.35 -14.77
C ILE A 23 18.28 -13.91 -13.31
N PHE A 24 17.11 -13.57 -12.78
CA PHE A 24 16.97 -13.00 -11.44
C PHE A 24 17.34 -13.97 -10.31
N SER A 25 16.88 -15.21 -10.40
CA SER A 25 17.04 -16.15 -9.28
C SER A 25 18.38 -16.88 -9.33
N ASP A 26 19.14 -16.65 -10.38
CA ASP A 26 20.55 -17.00 -10.39
C ASP A 26 21.29 -16.15 -9.37
N ARG A 27 20.86 -14.90 -9.22
CA ARG A 27 21.50 -13.95 -8.35
C ARG A 27 20.83 -13.79 -6.97
N TYR A 28 19.50 -13.78 -6.91
CA TYR A 28 18.80 -13.57 -5.63
C TYR A 28 17.90 -14.72 -5.21
N LYS A 29 17.77 -14.90 -3.89
CA LYS A 29 16.82 -15.85 -3.29
C LYS A 29 15.90 -15.11 -2.35
N GLY A 30 14.66 -15.57 -2.22
CA GLY A 30 13.69 -14.94 -1.34
C GLY A 30 13.94 -15.25 0.12
N GLN A 31 13.89 -14.22 0.95
CA GLN A 31 13.97 -14.39 2.39
C GLN A 31 12.56 -14.52 2.95
N ARG A 32 11.71 -13.52 2.65
CA ARG A 32 10.35 -13.45 3.17
C ARG A 32 9.57 -12.28 2.57
N VAL A 33 8.25 -12.42 2.48
CA VAL A 33 7.41 -11.37 1.90
C VAL A 33 7.32 -10.18 2.86
N LEU A 34 7.29 -8.98 2.28
CA LEU A 34 7.27 -7.73 3.04
C LEU A 34 5.90 -7.05 3.02
N GLY A 35 5.23 -7.09 1.87
CA GLY A 35 3.93 -6.47 1.73
C GLY A 35 3.55 -6.34 0.27
N LYS A 36 2.40 -5.73 0.02
CA LYS A 36 1.90 -5.51 -1.33
C LYS A 36 1.83 -4.02 -1.57
N GLY A 37 2.78 -3.50 -2.33
CA GLY A 37 2.74 -2.12 -2.76
C GLY A 37 1.97 -2.01 -4.06
N SER A 38 1.95 -0.81 -4.62
CA SER A 38 1.39 -0.56 -5.94
C SER A 38 2.14 -1.41 -6.97
N PHE A 39 1.39 -1.94 -7.93
CA PHE A 39 1.90 -2.71 -9.10
C PHE A 39 2.35 -4.13 -8.82
N GLY A 40 2.56 -4.49 -7.56
CA GLY A 40 3.02 -5.83 -7.23
C GLY A 40 3.53 -6.02 -5.81
N GLU A 41 3.86 -7.26 -5.47
CA GLU A 41 4.30 -7.59 -4.12
C GLU A 41 5.78 -7.25 -3.97
N VAL A 42 6.18 -6.89 -2.76
CA VAL A 42 7.59 -6.62 -2.48
C VAL A 42 8.12 -7.77 -1.64
N ILE A 43 9.25 -8.33 -2.07
CA ILE A 43 9.83 -9.51 -1.43
C ILE A 43 11.24 -9.19 -0.95
N LEU A 44 11.52 -9.45 0.34
CA LEU A 44 12.87 -9.31 0.86
C LEU A 44 13.72 -10.45 0.33
N CYS A 45 14.79 -10.10 -0.38
CA CYS A 45 15.66 -11.08 -1.03
C CYS A 45 17.12 -10.88 -0.64
N LYS A 46 17.91 -11.91 -0.89
CA LYS A 46 19.31 -11.87 -0.55
C LYS A 46 20.17 -12.31 -1.73
N ASP A 47 21.20 -11.52 -2.04
CA ASP A 47 22.16 -11.88 -3.05
C ASP A 47 22.88 -13.14 -2.59
N LYS A 48 22.93 -14.17 -3.44
CA LYS A 48 23.48 -15.50 -3.07
C LYS A 48 25.01 -15.55 -2.97
N ILE A 49 25.68 -14.44 -3.23
CA ILE A 49 27.12 -14.36 -3.18
C ILE A 49 27.58 -13.35 -2.12
N THR A 50 27.05 -12.13 -2.19
CA THR A 50 27.49 -11.07 -1.29
C THR A 50 26.66 -10.97 -0.03
N GLY A 51 25.53 -11.67 0.02
CA GLY A 51 24.62 -11.60 1.16
C GLY A 51 23.86 -10.30 1.34
N GLN A 52 23.90 -9.40 0.37
CA GLN A 52 23.19 -8.13 0.53
C GLN A 52 21.67 -8.34 0.46
N GLU A 53 20.97 -7.77 1.44
CA GLU A 53 19.50 -7.76 1.49
C GLU A 53 18.99 -6.70 0.54
N CYS A 54 17.88 -6.98 -0.14
CA CYS A 54 17.24 -5.99 -1.00
CA CYS A 54 17.24 -6.01 -1.04
C CYS A 54 15.72 -6.15 -1.00
N ALA A 55 15.00 -5.06 -1.25
CA ALA A 55 13.54 -5.08 -1.39
C ALA A 55 13.20 -5.20 -2.87
N VAL A 56 12.68 -6.34 -3.28
CA VAL A 56 12.38 -6.58 -4.68
C VAL A 56 10.88 -6.45 -4.95
N LYS A 57 10.50 -5.44 -5.74
CA LYS A 57 9.11 -5.34 -6.20
C LYS A 57 8.99 -6.20 -7.44
N VAL A 58 8.01 -7.10 -7.44
CA VAL A 58 7.80 -8.01 -8.54
C VAL A 58 6.48 -7.64 -9.23
N ILE A 59 6.58 -7.25 -10.50
CA ILE A 59 5.42 -6.81 -11.26
C ILE A 59 4.92 -7.94 -12.16
N SER A 60 3.73 -8.45 -11.88
CA SER A 60 3.12 -9.46 -12.71
C SER A 60 2.59 -8.89 -14.03
N LYS A 61 3.30 -9.14 -15.13
CA LYS A 61 2.90 -8.73 -16.49
C LYS A 61 1.44 -9.08 -16.84
N ARG A 62 1.00 -10.25 -16.38
CA ARG A 62 -0.34 -10.77 -16.68
C ARG A 62 -1.48 -10.03 -15.96
N GLN A 63 -1.15 -9.12 -15.04
CA GLN A 63 -2.16 -8.29 -14.39
C GLN A 63 -1.82 -6.79 -14.36
N VAL A 64 -0.69 -6.40 -14.97
CA VAL A 64 -0.27 -5.00 -14.98
C VAL A 64 0.21 -4.64 -16.39
N LYS A 65 -0.64 -3.95 -17.15
CA LYS A 65 -0.30 -3.51 -18.50
C LYS A 65 0.81 -2.46 -18.46
N GLN A 66 1.64 -2.46 -19.50
CA GLN A 66 2.62 -1.39 -19.69
C GLN A 66 1.95 -0.19 -20.35
N LYS A 67 2.45 1.00 -20.03
CA LYS A 67 2.06 2.22 -20.75
C LYS A 67 3.08 2.55 -21.86
N THR A 68 4.29 2.02 -21.73
CA THR A 68 5.41 2.36 -22.63
C THR A 68 6.01 1.11 -23.29
N ASP A 69 6.81 1.34 -24.34
CA ASP A 69 7.58 0.27 -24.97
C ASP A 69 8.76 -0.19 -24.10
N LYS A 70 9.39 -1.28 -24.50
CA LYS A 70 10.55 -1.81 -23.78
C LYS A 70 11.74 -0.85 -23.86
N GLU A 71 11.92 -0.24 -25.03
CA GLU A 71 12.97 0.76 -25.26
C GLU A 71 12.91 1.89 -24.21
N SER A 72 11.71 2.37 -23.94
CA SER A 72 11.46 3.52 -23.07
C SER A 72 11.58 3.17 -21.57
N LEU A 73 11.24 1.94 -21.23
CA LEU A 73 11.34 1.45 -19.86
C LEU A 73 12.80 1.17 -19.47
N LEU A 74 13.57 0.63 -20.41
CA LEU A 74 14.99 0.32 -20.19
C LEU A 74 15.82 1.59 -20.04
N ARG A 75 15.34 2.68 -20.61
CA ARG A 75 16.02 3.96 -20.55
C ARG A 75 15.81 4.63 -19.19
N GLU A 76 14.57 4.59 -18.71
CA GLU A 76 14.23 5.16 -17.42
C GLU A 76 14.93 4.36 -16.31
N VAL A 77 14.91 3.04 -16.47
CA VAL A 77 15.64 2.16 -15.57
C VAL A 77 17.11 2.52 -15.51
N GLN A 78 17.71 2.69 -16.67
CA GLN A 78 19.15 3.01 -16.75
C GLN A 78 19.44 4.32 -16.00
N LEU A 79 18.57 5.31 -16.20
CA LEU A 79 18.67 6.57 -15.51
C LEU A 79 18.44 6.45 -14.00
N LEU A 80 17.36 5.74 -13.60
CA LEU A 80 17.06 5.60 -12.18
C LEU A 80 18.20 4.96 -11.38
N LYS A 81 18.90 3.99 -11.97
CA LYS A 81 20.06 3.38 -11.32
C LYS A 81 21.17 4.40 -11.02
N GLN A 82 21.29 5.41 -11.88
CA GLN A 82 22.36 6.41 -11.76
C GLN A 82 22.02 7.54 -10.78
N LEU A 83 20.74 7.76 -10.54
CA LEU A 83 20.31 8.83 -9.65
C LEU A 83 20.59 8.46 -8.19
N ASP A 84 20.75 9.47 -7.36
CA ASP A 84 21.13 9.25 -5.99
C ASP A 84 20.80 10.46 -5.11
N HIS A 85 19.89 10.27 -4.16
CA HIS A 85 19.49 11.33 -3.27
C HIS A 85 19.04 10.72 -1.98
N PRO A 86 19.37 11.35 -0.84
CA PRO A 86 19.09 10.65 0.44
C PRO A 86 17.60 10.38 0.77
N ASN A 87 16.68 11.05 0.07
CA ASN A 87 15.25 10.86 0.28
C ASN A 87 14.54 10.09 -0.83
N ILE A 88 15.31 9.39 -1.67
CA ILE A 88 14.76 8.63 -2.77
C ILE A 88 15.27 7.18 -2.69
N MET A 89 14.37 6.22 -2.84
CA MET A 89 14.78 4.81 -2.86
C MET A 89 15.91 4.58 -3.88
N LYS A 90 16.94 3.89 -3.43
CA LYS A 90 18.06 3.52 -4.29
C LYS A 90 17.67 2.27 -5.07
N LEU A 91 17.71 2.37 -6.40
CA LEU A 91 17.40 1.25 -7.27
C LEU A 91 18.71 0.64 -7.78
N TYR A 92 18.90 -0.65 -7.51
CA TYR A 92 20.15 -1.34 -7.83
C TYR A 92 20.10 -2.06 -9.17
N GLU A 93 18.99 -2.73 -9.45
CA GLU A 93 18.94 -3.67 -10.58
C GLU A 93 17.53 -3.82 -11.13
N PHE A 94 17.47 -4.21 -12.40
CA PHE A 94 16.22 -4.48 -13.10
C PHE A 94 16.34 -5.81 -13.84
N PHE A 95 15.37 -6.70 -13.63
CA PHE A 95 15.31 -7.94 -14.38
C PHE A 95 13.95 -8.08 -15.04
N GLU A 96 13.91 -8.89 -16.07
CA GLU A 96 12.70 -9.19 -16.79
C GLU A 96 12.77 -10.63 -17.32
N ASP A 97 11.67 -11.36 -17.18
CA ASP A 97 11.54 -12.65 -17.86
C ASP A 97 10.18 -12.70 -18.55
N LYS A 98 9.81 -13.87 -19.08
CA LYS A 98 8.50 -14.05 -19.72
C LYS A 98 7.36 -13.38 -18.94
N GLY A 99 7.24 -13.69 -17.64
CA GLY A 99 6.06 -13.32 -16.86
C GLY A 99 6.11 -12.17 -15.87
N TYR A 100 7.28 -11.55 -15.66
CA TYR A 100 7.44 -10.53 -14.62
C TYR A 100 8.59 -9.56 -14.85
N PHE A 101 8.48 -8.41 -14.20
CA PHE A 101 9.59 -7.47 -14.03
C PHE A 101 10.04 -7.53 -12.57
N TYR A 102 11.34 -7.43 -12.34
CA TYR A 102 11.87 -7.40 -10.98
C TYR A 102 12.64 -6.11 -10.76
N LEU A 103 12.13 -5.26 -9.86
CA LEU A 103 12.81 -4.03 -9.48
C LEU A 103 13.50 -4.28 -8.14
N VAL A 104 14.82 -4.24 -8.13
CA VAL A 104 15.59 -4.54 -6.93
C VAL A 104 16.09 -3.24 -6.35
N GLY A 105 15.59 -2.87 -5.17
CA GLY A 105 16.03 -1.67 -4.48
C GLY A 105 16.43 -1.90 -3.04
N GLU A 106 16.92 -0.86 -2.40
CA GLU A 106 17.44 -0.97 -1.05
C GLU A 106 16.26 -1.25 -0.13
N VAL A 107 16.48 -1.99 0.94
CA VAL A 107 15.42 -2.29 1.90
C VAL A 107 15.50 -1.35 3.09
N TYR A 108 14.35 -0.81 3.51
CA TYR A 108 14.27 0.09 4.66
C TYR A 108 13.46 -0.54 5.80
N THR A 109 13.83 -0.21 7.03
CA THR A 109 13.34 -0.91 8.22
C THR A 109 12.49 -0.06 9.17
N GLY A 110 12.36 1.24 8.86
CA GLY A 110 11.67 2.17 9.76
C GLY A 110 10.16 2.20 9.62
N GLY A 111 9.65 1.58 8.55
CA GLY A 111 8.21 1.47 8.35
C GLY A 111 7.65 2.70 7.65
N GLU A 112 6.32 2.75 7.51
CA GLU A 112 5.66 3.86 6.86
C GLU A 112 5.67 5.07 7.79
N LEU A 113 5.78 6.26 7.23
CA LEU A 113 5.90 7.47 8.03
C LEU A 113 4.78 7.57 9.09
N PHE A 114 3.53 7.40 8.63
CA PHE A 114 2.35 7.63 9.49
C PHE A 114 2.22 6.67 10.65
N ASP A 115 2.69 5.44 10.49
CA ASP A 115 2.68 4.47 11.59
C ASP A 115 3.67 4.88 12.68
N GLU A 116 4.76 5.53 12.28
CA GLU A 116 5.73 6.04 13.23
C GLU A 116 5.18 7.27 13.94
N ILE A 117 4.49 8.13 13.20
CA ILE A 117 3.90 9.32 13.78
C ILE A 117 2.82 9.02 14.83
N ILE A 118 1.94 8.06 14.56
CA ILE A 118 0.85 7.76 15.50
C ILE A 118 1.34 7.16 16.83
N SER A 119 2.61 6.75 16.87
CA SER A 119 3.24 6.25 18.09
C SER A 119 4.12 7.34 18.72
N ARG A 120 3.52 8.50 18.95
CA ARG A 120 4.23 9.64 19.53
C ARG A 120 3.36 10.35 20.57
N LYS A 121 4.00 10.85 21.62
CA LYS A 121 3.32 11.68 22.61
C LYS A 121 3.08 13.07 22.03
N ARG A 122 4.10 13.62 21.35
CA ARG A 122 4.01 14.96 20.77
C ARG A 122 4.42 15.06 19.28
N PHE A 123 3.85 16.05 18.61
CA PHE A 123 4.09 16.28 17.19
C PHE A 123 3.74 17.72 16.86
N SER A 124 4.76 18.53 16.58
CA SER A 124 4.61 19.96 16.33
C SER A 124 4.88 20.27 14.87
N GLU A 125 4.70 21.54 14.49
CA GLU A 125 5.00 21.99 13.13
C GLU A 125 6.46 21.78 12.78
N VAL A 126 7.32 21.78 13.79
CA VAL A 126 8.74 21.52 13.57
C VAL A 126 8.94 20.11 13.04
N ASP A 127 8.18 19.15 13.59
CA ASP A 127 8.25 17.77 13.09
C ASP A 127 7.68 17.69 11.68
N ALA A 128 6.53 18.33 11.46
CA ALA A 128 5.93 18.38 10.12
C ALA A 128 6.84 19.05 9.09
N ALA A 129 7.45 20.18 9.44
CA ALA A 129 8.31 20.89 8.49
C ALA A 129 9.53 20.06 8.10
N ARG A 130 10.11 19.36 9.07
CA ARG A 130 11.26 18.50 8.81
C ARG A 130 10.90 17.35 7.89
N ILE A 131 9.74 16.75 8.15
CA ILE A 131 9.21 15.68 7.29
C ILE A 131 9.03 16.19 5.86
N ILE A 132 8.38 17.35 5.73
CA ILE A 132 8.02 17.85 4.41
C ILE A 132 9.24 18.42 3.66
N ARG A 133 10.22 18.96 4.37
CA ARG A 133 11.43 19.43 3.71
C ARG A 133 12.13 18.27 3.04
N GLN A 134 12.12 17.12 3.70
CA GLN A 134 12.67 15.91 3.12
C GLN A 134 11.92 15.49 1.87
N VAL A 135 10.59 15.51 1.94
CA VAL A 135 9.77 15.08 0.82
C VAL A 135 9.96 16.00 -0.39
N LEU A 136 9.86 17.31 -0.16
CA LEU A 136 10.11 18.30 -1.17
C LEU A 136 11.52 18.21 -1.75
N SER A 137 12.48 17.84 -0.91
CA SER A 137 13.86 17.75 -1.33
C SER A 137 14.05 16.56 -2.29
N GLY A 138 13.44 15.43 -1.95
CA GLY A 138 13.44 14.28 -2.84
C GLY A 138 12.79 14.62 -4.17
N ILE A 139 11.64 15.29 -4.09
CA ILE A 139 10.85 15.60 -5.28
C ILE A 139 11.65 16.53 -6.19
N THR A 140 12.18 17.61 -5.61
CA THR A 140 12.92 18.61 -6.36
C THR A 140 13.98 17.94 -7.20
N TYR A 141 14.72 17.06 -6.53
CA TYR A 141 15.81 16.34 -7.18
C TYR A 141 15.31 15.55 -8.37
N MET A 142 14.23 14.82 -8.17
CA MET A 142 13.66 13.98 -9.20
C MET A 142 13.15 14.76 -10.41
N HIS A 143 12.45 15.88 -10.14
CA HIS A 143 11.94 16.77 -11.19
C HIS A 143 13.05 17.39 -11.99
N LYS A 144 14.16 17.73 -11.35
CA LYS A 144 15.36 18.16 -12.08
C LYS A 144 15.83 17.13 -13.08
N ASN A 145 15.57 15.86 -12.80
CA ASN A 145 15.89 14.79 -13.75
C ASN A 145 14.67 14.33 -14.58
N LYS A 146 13.58 15.09 -14.50
CA LYS A 146 12.39 14.91 -15.35
C LYS A 146 11.57 13.66 -15.03
N ILE A 147 11.59 13.26 -13.77
CA ILE A 147 10.83 12.10 -13.32
C ILE A 147 9.73 12.59 -12.42
N VAL A 148 8.52 12.17 -12.73
CA VAL A 148 7.32 12.48 -11.97
C VAL A 148 6.88 11.23 -11.20
N HIS A 149 6.31 11.41 -10.02
CA HIS A 149 5.74 10.30 -9.27
C HIS A 149 4.29 10.10 -9.62
N ARG A 150 3.49 11.17 -9.49
CA ARG A 150 2.03 11.14 -9.73
C ARG A 150 1.18 10.49 -8.63
N ASP A 151 1.69 9.44 -8.00
CA ASP A 151 0.92 8.66 -7.02
C ASP A 151 1.48 8.82 -5.61
N LEU A 152 2.04 9.99 -5.30
CA LEU A 152 2.65 10.22 -3.99
C LEU A 152 1.54 10.15 -2.92
N LYS A 153 1.80 9.38 -1.87
CA LYS A 153 0.86 9.23 -0.75
C LYS A 153 1.64 8.72 0.48
N PRO A 154 1.03 8.73 1.67
CA PRO A 154 1.77 8.33 2.89
C PRO A 154 2.39 6.93 2.84
N GLU A 155 1.71 5.98 2.21
CA GLU A 155 2.20 4.60 1.98
C GLU A 155 3.55 4.56 1.26
N ASN A 156 3.85 5.59 0.48
CA ASN A 156 5.08 5.68 -0.28
C ASN A 156 6.20 6.44 0.43
N LEU A 157 6.02 6.77 1.70
CA LEU A 157 7.03 7.44 2.48
C LEU A 157 7.49 6.53 3.60
N LEU A 158 8.68 5.95 3.42
CA LEU A 158 9.25 4.99 4.35
C LEU A 158 10.37 5.64 5.13
N LEU A 159 10.45 5.36 6.43
CA LEU A 159 11.57 5.79 7.26
C LEU A 159 12.71 4.80 7.06
N GLU A 160 13.90 5.33 6.83
CA GLU A 160 15.07 4.52 6.49
C GLU A 160 15.42 3.46 7.54
N SER A 161 15.36 3.85 8.81
CA SER A 161 15.67 2.94 9.92
C SER A 161 14.70 3.13 11.09
N LYS A 162 14.81 2.26 12.08
CA LYS A 162 14.00 2.37 13.30
C LYS A 162 14.42 3.54 14.21
N SER A 163 15.61 4.11 13.98
CA SER A 163 16.19 5.12 14.89
C SER A 163 15.42 6.44 14.86
N LYS A 164 15.84 7.38 15.72
CA LYS A 164 15.08 8.60 15.98
C LYS A 164 15.10 9.60 14.82
N ASP A 165 16.24 10.25 14.59
CA ASP A 165 16.36 11.24 13.53
C ASP A 165 16.79 10.54 12.24
N ALA A 166 15.82 9.95 11.54
CA ALA A 166 16.08 9.10 10.38
C ALA A 166 15.43 9.67 9.12
N ASN A 167 16.02 9.35 7.97
CA ASN A 167 15.58 9.89 6.69
C ASN A 167 14.32 9.22 6.15
N ILE A 168 13.47 10.02 5.52
CA ILE A 168 12.34 9.52 4.76
C ILE A 168 12.84 9.15 3.37
N ARG A 169 12.41 8.00 2.89
CA ARG A 169 12.79 7.49 1.57
C ARG A 169 11.53 7.30 0.78
N ILE A 170 11.41 8.01 -0.35
CA ILE A 170 10.21 7.96 -1.19
C ILE A 170 10.37 6.76 -2.12
N ILE A 171 9.36 5.91 -2.17
CA ILE A 171 9.39 4.75 -3.07
C ILE A 171 8.47 4.99 -4.27
N ASP A 172 8.75 4.24 -5.34
CA ASP A 172 7.88 4.15 -6.53
C ASP A 172 7.94 5.34 -7.49
N PHE A 173 8.93 6.20 -7.34
CA PHE A 173 9.11 7.33 -8.25
C PHE A 173 9.34 6.73 -9.63
N GLY A 174 8.68 7.26 -10.65
CA GLY A 174 8.96 6.87 -12.04
C GLY A 174 8.15 5.71 -12.58
N LEU A 175 7.51 4.93 -11.72
CA LEU A 175 6.81 3.72 -12.14
C LEU A 175 5.46 3.99 -12.83
N SER A 176 4.74 4.99 -12.34
CA SER A 176 3.39 5.32 -12.84
C SER A 176 3.42 5.69 -14.31
N THR A 177 4.55 6.21 -14.75
CA THR A 177 4.78 6.53 -16.15
C THR A 177 4.87 5.30 -17.06
N HIS A 178 5.19 4.13 -16.49
CA HIS A 178 5.46 2.94 -17.32
C HIS A 178 4.52 1.79 -17.11
N PHE A 179 3.72 1.83 -16.03
CA PHE A 179 2.75 0.77 -15.76
C PHE A 179 1.36 1.34 -15.43
N GLU A 180 0.33 0.60 -15.83
CA GLU A 180 -1.07 0.95 -15.56
C GLU A 180 -1.49 0.52 -14.16
N ALA A 181 -1.93 1.50 -13.37
CA ALA A 181 -2.47 1.25 -12.03
C ALA A 181 -3.65 0.27 -12.04
N SER A 182 -3.76 -0.51 -10.97
CA SER A 182 -4.88 -1.41 -10.77
C SER A 182 -6.17 -0.62 -10.65
N LYS A 183 -7.25 -1.19 -11.16
CA LYS A 183 -8.58 -0.62 -10.99
C LYS A 183 -9.39 -1.43 -9.96
N LYS A 184 -8.70 -2.34 -9.27
CA LYS A 184 -9.29 -3.12 -8.17
C LYS A 184 -9.16 -2.33 -6.86
N MET A 185 -10.21 -2.35 -6.04
CA MET A 185 -10.30 -1.47 -4.86
C MET A 185 -9.30 -1.80 -3.75
N LYS A 186 -8.90 -3.07 -3.66
CA LYS A 186 -7.84 -3.48 -2.73
C LYS A 186 -6.48 -2.89 -3.10
N ASP A 187 -6.37 -2.28 -4.28
CA ASP A 187 -5.16 -1.56 -4.68
C ASP A 187 -5.36 -0.03 -4.71
N LYS A 188 -6.60 0.43 -4.51
CA LYS A 188 -6.94 1.86 -4.62
C LYS A 188 -7.15 2.59 -3.29
N ILE A 189 -7.45 1.86 -2.21
CA ILE A 189 -7.68 2.49 -0.88
C ILE A 189 -6.58 3.50 -0.56
N GLY A 190 -6.98 4.74 -0.33
CA GLY A 190 -6.06 5.80 0.05
C GLY A 190 -5.23 6.31 -1.11
N THR A 191 -5.80 6.31 -2.31
CA THR A 191 -5.15 6.98 -3.45
C THR A 191 -5.92 8.23 -3.81
N ALA A 192 -7.24 8.14 -3.84
CA ALA A 192 -8.12 9.28 -4.14
C ALA A 192 -7.84 10.57 -3.36
N TYR A 193 -7.47 10.47 -2.10
CA TYR A 193 -7.25 11.67 -1.29
C TYR A 193 -6.11 12.54 -1.81
N TYR A 194 -5.14 11.91 -2.48
CA TYR A 194 -3.85 12.52 -2.79
C TYR A 194 -3.65 12.93 -4.26
N ILE A 195 -4.44 12.35 -5.18
CA ILE A 195 -4.31 12.60 -6.63
C ILE A 195 -4.66 14.06 -7.01
N ALA A 196 -3.89 14.62 -7.94
CA ALA A 196 -4.05 16.02 -8.34
C ALA A 196 -5.18 16.06 -9.36
N PRO A 197 -6.04 17.08 -9.28
CA PRO A 197 -7.19 17.14 -10.19
C PRO A 197 -6.81 17.03 -11.68
N GLU A 198 -5.66 17.60 -12.07
CA GLU A 198 -5.26 17.57 -13.49
C GLU A 198 -4.89 16.16 -13.97
N VAL A 199 -4.49 15.28 -13.06
CA VAL A 199 -4.24 13.87 -13.40
C VAL A 199 -5.55 13.16 -13.75
N LEU A 200 -6.62 13.47 -12.99
CA LEU A 200 -7.96 12.95 -13.27
C LEU A 200 -8.39 13.26 -14.70
N HIS A 201 -8.04 14.44 -15.19
CA HIS A 201 -8.50 14.92 -16.51
C HIS A 201 -7.59 14.66 -17.67
N GLY A 202 -6.35 14.27 -17.44
CA GLY A 202 -5.49 13.79 -18.53
C GLY A 202 -4.22 14.56 -18.85
N THR A 203 -4.21 15.88 -18.61
CA THR A 203 -3.04 16.74 -18.89
C THR A 203 -2.36 17.09 -17.58
N TYR A 204 -1.21 16.47 -17.33
CA TYR A 204 -0.51 16.68 -16.08
C TYR A 204 1.01 16.66 -16.27
N ASP A 205 1.71 17.26 -15.30
CA ASP A 205 3.15 17.31 -15.31
C ASP A 205 3.65 17.16 -13.88
N GLU A 206 4.94 17.45 -13.68
CA GLU A 206 5.57 17.34 -12.38
C GLU A 206 4.85 18.10 -11.27
N LYS A 207 4.06 19.13 -11.61
CA LYS A 207 3.34 19.91 -10.58
C LYS A 207 2.34 19.06 -9.80
N CYS A 208 1.92 17.92 -10.37
CA CYS A 208 1.00 17.03 -9.67
C CYS A 208 1.61 16.47 -8.33
N ASP A 209 2.93 16.34 -8.27
CA ASP A 209 3.60 15.93 -7.03
C ASP A 209 3.55 16.99 -5.94
N VAL A 210 3.58 18.25 -6.33
CA VAL A 210 3.45 19.32 -5.36
C VAL A 210 2.05 19.27 -4.73
N TRP A 211 1.03 19.18 -5.56
CA TRP A 211 -0.32 18.97 -5.07
C TRP A 211 -0.39 17.84 -4.06
N SER A 212 0.04 16.62 -4.45
CA SER A 212 0.00 15.48 -3.55
C SER A 212 0.71 15.76 -2.22
N THR A 213 1.87 16.42 -2.27
CA THR A 213 2.64 16.73 -1.04
C THR A 213 1.86 17.72 -0.20
N GLY A 214 1.14 18.63 -0.86
CA GLY A 214 0.27 19.58 -0.19
C GLY A 214 -0.82 18.89 0.60
N VAL A 215 -1.42 17.85 0.02
CA VAL A 215 -2.46 17.13 0.75
C VAL A 215 -1.86 16.40 1.97
N ILE A 216 -0.68 15.82 1.81
CA ILE A 216 0.01 15.18 2.93
C ILE A 216 0.30 16.21 4.03
N LEU A 217 0.83 17.38 3.64
CA LEU A 217 1.08 18.43 4.62
C LEU A 217 -0.20 18.76 5.38
N TYR A 218 -1.28 19.02 4.65
CA TYR A 218 -2.57 19.29 5.28
C TYR A 218 -2.90 18.23 6.33
N ILE A 219 -2.77 16.96 5.98
CA ILE A 219 -3.13 15.88 6.89
C ILE A 219 -2.18 15.85 8.08
N LEU A 220 -0.89 16.12 7.86
CA LEU A 220 0.07 16.20 8.96
C LEU A 220 -0.31 17.25 10.04
N LEU A 221 -0.85 18.39 9.61
CA LEU A 221 -1.17 19.48 10.57
C LEU A 221 -2.61 19.49 11.09
N SER A 222 -3.48 18.64 10.55
CA SER A 222 -4.85 18.50 11.08
C SER A 222 -5.30 17.06 11.31
N GLY A 223 -4.63 16.10 10.69
CA GLY A 223 -5.05 14.70 10.73
C GLY A 223 -6.29 14.36 9.93
N CYS A 224 -6.79 15.30 9.13
CA CYS A 224 -7.97 15.07 8.27
C CYS A 224 -7.61 15.38 6.82
N PRO A 225 -8.06 14.53 5.89
CA PRO A 225 -7.85 14.85 4.47
C PRO A 225 -8.53 16.16 4.09
N PRO A 226 -7.91 16.98 3.24
CA PRO A 226 -8.60 18.21 2.80
C PRO A 226 -9.79 17.92 1.88
N PHE A 227 -9.68 16.86 1.08
CA PHE A 227 -10.79 16.40 0.23
C PHE A 227 -11.25 15.03 0.70
N ASN A 228 -12.49 14.96 1.16
CA ASN A 228 -12.98 13.77 1.84
C ASN A 228 -14.41 13.46 1.45
N GLY A 229 -14.85 12.22 1.70
CA GLY A 229 -16.15 11.79 1.25
C GLY A 229 -16.49 10.37 1.67
N ALA A 230 -17.73 9.97 1.40
CA ALA A 230 -18.25 8.69 1.89
C ALA A 230 -17.67 7.48 1.15
N ASN A 231 -17.12 7.71 -0.03
CA ASN A 231 -16.68 6.64 -0.91
C ASN A 231 -15.66 7.21 -1.88
N GLU A 232 -15.09 6.38 -2.75
CA GLU A 232 -14.05 6.85 -3.62
C GLU A 232 -14.52 7.96 -4.57
N TYR A 233 -15.67 7.78 -5.22
CA TYR A 233 -16.14 8.76 -6.18
C TYR A 233 -16.43 10.12 -5.55
N ASP A 234 -17.00 10.11 -4.35
CA ASP A 234 -17.21 11.34 -3.60
C ASP A 234 -15.91 12.07 -3.27
N ILE A 235 -14.86 11.31 -3.03
CA ILE A 235 -13.58 11.91 -2.76
C ILE A 235 -13.09 12.60 -4.04
N LEU A 236 -13.12 11.89 -5.16
CA LEU A 236 -12.67 12.42 -6.45
C LEU A 236 -13.51 13.62 -6.87
N LYS A 237 -14.79 13.62 -6.53
CA LYS A 237 -15.65 14.76 -6.83
C LYS A 237 -15.18 16.01 -6.10
N LYS A 238 -14.82 15.86 -4.81
CA LYS A 238 -14.30 17.00 -4.04
C LYS A 238 -12.97 17.53 -4.59
N VAL A 239 -12.09 16.61 -4.97
CA VAL A 239 -10.77 16.95 -5.50
C VAL A 239 -10.91 17.72 -6.81
N GLU A 240 -11.74 17.20 -7.71
CA GLU A 240 -11.98 17.80 -9.01
C GLU A 240 -12.50 19.26 -8.89
N LYS A 241 -13.44 19.49 -7.98
CA LYS A 241 -13.87 20.84 -7.64
C LYS A 241 -12.74 21.66 -7.02
N GLY A 242 -11.85 21.01 -6.28
CA GLY A 242 -10.63 21.66 -5.77
C GLY A 242 -10.77 22.54 -4.53
N LYS A 243 -11.95 22.57 -3.92
CA LYS A 243 -12.23 23.48 -2.80
C LYS A 243 -12.09 22.80 -1.43
N TYR A 244 -11.34 23.46 -0.54
CA TYR A 244 -11.14 22.98 0.82
C TYR A 244 -11.09 24.19 1.74
N THR A 245 -11.06 23.92 3.04
CA THR A 245 -10.99 25.00 4.01
C THR A 245 -10.10 24.65 5.19
N PHE A 246 -9.82 25.68 5.99
CA PHE A 246 -9.07 25.55 7.22
C PHE A 246 -10.00 25.78 8.39
N GLU A 247 -11.28 25.43 8.23
CA GLU A 247 -12.32 25.73 9.22
C GLU A 247 -12.16 24.91 10.49
N LEU A 248 -11.80 23.64 10.34
CA LEU A 248 -11.70 22.70 11.48
C LEU A 248 -10.98 23.34 12.67
N PRO A 249 -11.52 23.16 13.89
CA PRO A 249 -11.03 23.90 15.07
C PRO A 249 -9.52 23.80 15.31
N GLN A 250 -8.91 22.69 14.91
CA GLN A 250 -7.48 22.47 15.15
C GLN A 250 -6.55 23.30 14.27
N TRP A 251 -7.09 23.93 13.23
CA TRP A 251 -6.33 24.90 12.42
C TRP A 251 -6.03 26.17 13.17
N LYS A 252 -6.87 26.48 14.17
CA LYS A 252 -6.62 27.61 15.07
C LYS A 252 -5.25 27.55 15.76
N LYS A 253 -4.63 26.37 15.78
CA LYS A 253 -3.29 26.18 16.38
C LYS A 253 -2.13 26.19 15.36
N VAL A 254 -2.43 26.11 14.07
CA VAL A 254 -1.38 26.12 13.05
C VAL A 254 -1.05 27.55 12.61
N SER A 255 0.24 27.82 12.44
CA SER A 255 0.72 29.11 11.94
C SER A 255 0.08 29.50 10.61
N GLU A 256 0.07 30.80 10.31
CA GLU A 256 -0.47 31.31 9.06
C GLU A 256 0.43 30.93 7.85
N SER A 257 1.74 30.90 8.07
CA SER A 257 2.70 30.61 7.01
C SER A 257 2.58 29.17 6.53
N ALA A 258 2.19 28.28 7.45
CA ALA A 258 1.88 26.90 7.11
C ALA A 258 0.65 26.83 6.20
N LYS A 259 -0.40 27.55 6.59
CA LYS A 259 -1.62 27.63 5.78
C LYS A 259 -1.28 28.25 4.43
N ASP A 260 -0.39 29.24 4.45
CA ASP A 260 0.01 29.93 3.24
C ASP A 260 0.71 28.99 2.27
N LEU A 261 1.60 28.14 2.78
CA LEU A 261 2.28 27.14 1.93
C LEU A 261 1.27 26.14 1.39
N ILE A 262 0.40 25.61 2.26
CA ILE A 262 -0.64 24.70 1.79
C ILE A 262 -1.41 25.32 0.63
N ARG A 263 -1.83 26.58 0.76
CA ARG A 263 -2.58 27.24 -0.30
C ARG A 263 -1.84 27.24 -1.64
N LYS A 264 -0.52 27.42 -1.62
CA LYS A 264 0.24 27.54 -2.85
C LYS A 264 0.42 26.18 -3.52
N MET A 265 0.48 25.13 -2.72
CA MET A 265 0.68 23.77 -3.19
C MET A 265 -0.64 23.16 -3.68
N LEU A 266 -1.74 23.56 -3.05
CA LEU A 266 -3.08 23.12 -3.46
C LEU A 266 -3.73 24.15 -4.39
N THR A 267 -2.92 24.89 -5.13
CA THR A 267 -3.44 25.83 -6.10
C THR A 267 -3.92 25.03 -7.29
N TYR A 268 -5.14 25.32 -7.76
CA TYR A 268 -5.81 24.48 -8.74
C TYR A 268 -5.09 24.41 -10.10
N VAL A 269 -4.80 25.54 -10.71
CA VAL A 269 -4.17 25.56 -12.04
C VAL A 269 -2.66 25.31 -11.85
N PRO A 270 -2.13 24.21 -12.44
CA PRO A 270 -0.75 23.79 -12.17
C PRO A 270 0.35 24.82 -12.48
N SER A 271 0.16 25.65 -13.51
CA SER A 271 1.14 26.70 -13.81
C SER A 271 1.15 27.79 -12.73
N MET A 272 0.07 27.91 -11.96
CA MET A 272 0.01 28.91 -10.90
CA MET A 272 -0.04 28.89 -10.88
C MET A 272 0.43 28.30 -9.56
N ARG A 273 0.60 26.97 -9.55
CA ARG A 273 0.99 26.23 -8.34
C ARG A 273 2.48 26.36 -8.12
N ILE A 274 2.87 26.54 -6.86
CA ILE A 274 4.27 26.63 -6.49
C ILE A 274 5.02 25.35 -6.90
N SER A 275 6.29 25.51 -7.29
CA SER A 275 7.17 24.40 -7.60
C SER A 275 7.71 23.79 -6.34
N ALA A 276 8.22 22.57 -6.49
CA ALA A 276 8.94 21.83 -5.45
C ALA A 276 10.06 22.67 -4.91
N ARG A 277 10.91 23.15 -5.82
CA ARG A 277 12.10 23.90 -5.43
C ARG A 277 11.71 25.16 -4.68
N ASP A 278 10.70 25.87 -5.19
CA ASP A 278 10.25 27.11 -4.55
C ASP A 278 9.60 26.86 -3.19
N ALA A 279 8.98 25.70 -3.00
CA ALA A 279 8.37 25.39 -1.72
C ALA A 279 9.44 25.21 -0.63
N LEU A 280 10.58 24.63 -1.02
CA LEU A 280 11.75 24.55 -0.13
C LEU A 280 12.22 25.93 0.36
N ASP A 281 12.06 26.96 -0.46
CA ASP A 281 12.43 28.33 -0.07
C ASP A 281 11.31 29.06 0.67
N HIS A 282 10.16 28.43 0.82
CA HIS A 282 9.06 29.09 1.47
C HIS A 282 9.37 29.37 2.91
N GLU A 283 8.86 30.51 3.36
CA GLU A 283 9.05 31.00 4.73
C GLU A 283 8.86 29.95 5.83
N TRP A 284 7.87 29.07 5.65
CA TRP A 284 7.48 28.09 6.67
C TRP A 284 8.51 27.01 6.82
N ILE A 285 8.99 26.49 5.70
CA ILE A 285 10.12 25.54 5.71
C ILE A 285 11.36 26.23 6.27
N GLN A 286 11.59 27.46 5.87
CA GLN A 286 12.74 28.24 6.35
C GLN A 286 12.70 28.46 7.87
N THR A 287 11.55 28.86 8.38
CA THR A 287 11.39 29.15 9.81
C THR A 287 11.41 27.88 10.66
N TYR A 288 10.54 26.94 10.33
CA TYR A 288 10.24 25.80 11.21
C TYR A 288 11.21 24.60 11.15
N THR A 289 12.30 24.71 10.39
CA THR A 289 13.34 23.68 10.39
C THR A 289 14.62 24.24 11.03
N LYS A 290 15.10 25.36 10.51
CA LYS A 290 16.26 26.05 11.11
C LYS A 290 15.89 26.63 12.46
N VAL A 297 6.50 26.45 20.16
CA VAL A 297 6.35 25.19 19.42
C VAL A 297 5.46 24.19 20.20
N PRO A 298 4.12 24.36 20.14
CA PRO A 298 3.22 23.44 20.84
C PRO A 298 3.02 22.14 20.07
N SER A 299 2.69 21.06 20.80
CA SER A 299 2.32 19.80 20.16
C SER A 299 0.90 19.89 19.61
N LEU A 300 0.70 19.32 18.43
CA LEU A 300 -0.60 19.27 17.79
C LEU A 300 -1.36 18.03 18.27
N ASP A 301 -1.84 18.08 19.50
CA ASP A 301 -2.46 16.90 20.14
C ASP A 301 -3.66 16.37 19.35
N ASN A 302 -4.55 17.27 18.97
CA ASN A 302 -5.71 16.91 18.16
C ASN A 302 -5.35 16.27 16.81
N ALA A 303 -4.32 16.79 16.14
CA ALA A 303 -3.91 16.27 14.82
C ALA A 303 -3.42 14.81 14.92
N ILE A 304 -2.69 14.52 16.00
CA ILE A 304 -2.22 13.17 16.27
C ILE A 304 -3.39 12.19 16.48
N LEU A 305 -4.38 12.60 17.25
CA LEU A 305 -5.51 11.73 17.51
C LEU A 305 -6.31 11.51 16.23
N ASN A 306 -6.34 12.53 15.37
CA ASN A 306 -7.04 12.42 14.08
C ASN A 306 -6.34 11.50 13.11
N ILE A 307 -5.01 11.58 13.05
CA ILE A 307 -4.21 10.73 12.17
C ILE A 307 -4.28 9.28 12.62
N ARG A 308 -4.21 9.08 13.93
CA ARG A 308 -4.34 7.75 14.55
C ARG A 308 -5.69 7.09 14.18
N GLN A 309 -6.76 7.89 14.14
CA GLN A 309 -8.08 7.41 13.74
C GLN A 309 -8.15 7.17 12.23
N PHE A 310 -7.59 8.11 11.46
CA PHE A 310 -7.52 7.96 10.02
C PHE A 310 -6.82 6.66 9.62
N GLN A 311 -5.63 6.45 10.19
CA GLN A 311 -4.76 5.33 9.85
C GLN A 311 -5.38 3.97 10.20
N GLY A 312 -5.95 3.85 11.41
CA GLY A 312 -6.66 2.64 11.80
C GLY A 312 -7.78 2.33 10.82
N THR A 313 -8.55 3.35 10.48
CA THR A 313 -9.63 3.20 9.53
C THR A 313 -9.15 2.67 8.18
N GLN A 314 -8.11 3.29 7.61
CA GLN A 314 -7.57 2.85 6.32
C GLN A 314 -7.04 1.42 6.35
N LYS A 315 -6.30 1.10 7.41
CA LYS A 315 -5.67 -0.21 7.53
C LYS A 315 -6.71 -1.29 7.75
N LEU A 316 -7.79 -0.98 8.47
CA LEU A 316 -8.87 -1.96 8.69
C LEU A 316 -9.67 -2.20 7.42
N ALA A 317 -9.91 -1.16 6.64
CA ALA A 317 -10.56 -1.30 5.34
C ALA A 317 -9.70 -2.15 4.37
N GLN A 318 -8.39 -1.85 4.30
CA GLN A 318 -7.42 -2.64 3.52
C GLN A 318 -7.43 -4.10 3.94
N ALA A 319 -7.32 -4.32 5.24
CA ALA A 319 -7.36 -5.66 5.82
C ALA A 319 -8.66 -6.39 5.43
N ALA A 320 -9.80 -5.73 5.55
CA ALA A 320 -11.07 -6.34 5.11
C ALA A 320 -11.03 -6.81 3.64
N LEU A 321 -10.59 -5.93 2.75
CA LEU A 321 -10.53 -6.23 1.32
C LEU A 321 -9.55 -7.38 1.02
N LEU A 322 -8.38 -7.40 1.68
CA LEU A 322 -7.39 -8.47 1.47
C LEU A 322 -7.85 -9.81 2.02
N TYR A 323 -8.58 -9.77 3.13
CA TYR A 323 -9.19 -10.97 3.68
C TYR A 323 -10.22 -11.52 2.70
N MET A 324 -11.13 -10.69 2.22
CA MET A 324 -12.09 -11.14 1.20
C MET A 324 -11.39 -11.72 -0.04
N GLY A 325 -10.36 -11.03 -0.53
CA GLY A 325 -9.55 -11.52 -1.65
C GLY A 325 -8.92 -12.87 -1.39
N SER A 326 -8.32 -13.04 -0.21
CA SER A 326 -7.65 -14.31 0.11
C SER A 326 -8.63 -15.45 0.28
N LYS A 327 -9.83 -15.16 0.78
CA LYS A 327 -10.86 -16.18 0.83
C LYS A 327 -11.25 -16.59 -0.60
N LEU A 328 -11.31 -15.64 -1.54
CA LEU A 328 -11.66 -15.98 -2.95
C LEU A 328 -10.53 -16.74 -3.67
N THR A 329 -9.29 -16.30 -3.46
CA THR A 329 -8.12 -17.05 -3.98
C THR A 329 -8.10 -18.47 -3.43
N SER A 330 -8.32 -18.61 -2.13
CA SER A 330 -8.41 -19.93 -1.50
C SER A 330 -9.51 -20.79 -2.12
N GLN A 331 -10.71 -20.23 -2.32
CA GLN A 331 -11.77 -20.98 -3.03
C GLN A 331 -11.23 -21.50 -4.37
N ASP A 332 -10.66 -20.58 -5.16
CA ASP A 332 -10.08 -20.90 -6.47
C ASP A 332 -8.99 -21.98 -6.34
N GLU A 333 -7.90 -21.65 -5.66
CA GLU A 333 -6.74 -22.55 -5.57
C GLU A 333 -7.00 -23.91 -4.90
N THR A 334 -7.94 -23.99 -3.96
CA THR A 334 -8.31 -25.27 -3.34
C THR A 334 -8.85 -26.25 -4.39
N LYS A 335 -9.86 -25.80 -5.11
CA LYS A 335 -10.44 -26.61 -6.18
C LYS A 335 -9.43 -26.96 -7.29
N GLU A 336 -8.55 -26.02 -7.67
CA GLU A 336 -7.56 -26.26 -8.75
C GLU A 336 -6.51 -27.32 -8.39
N LEU A 337 -6.01 -27.26 -7.16
CA LEU A 337 -5.00 -28.19 -6.68
C LEU A 337 -5.59 -29.59 -6.57
N THR A 338 -6.83 -29.67 -6.09
CA THR A 338 -7.58 -30.92 -6.04
C THR A 338 -7.67 -31.59 -7.42
N ALA A 339 -8.01 -30.81 -8.45
CA ALA A 339 -8.13 -31.34 -9.83
C ALA A 339 -6.78 -31.77 -10.39
N ILE A 340 -5.75 -30.98 -10.11
CA ILE A 340 -4.36 -31.32 -10.44
C ILE A 340 -3.90 -32.62 -9.78
N PHE A 341 -4.12 -32.75 -8.47
CA PHE A 341 -3.76 -33.96 -7.75
C PHE A 341 -4.63 -35.17 -8.12
N HIS A 342 -5.91 -34.92 -8.43
CA HIS A 342 -6.78 -35.99 -8.94
C HIS A 342 -6.24 -36.54 -10.24
N LYS A 343 -6.06 -35.67 -11.24
CA LYS A 343 -5.48 -36.07 -12.53
C LYS A 343 -4.13 -36.77 -12.40
N MET A 344 -3.29 -36.29 -11.48
CA MET A 344 -1.95 -36.87 -11.27
C MET A 344 -2.02 -38.26 -10.62
N ASP A 345 -3.04 -38.50 -9.79
CA ASP A 345 -3.20 -39.80 -9.12
C ASP A 345 -3.73 -40.86 -10.09
N LYS A 346 -2.82 -41.44 -10.87
CA LYS A 346 -3.12 -42.52 -11.81
C LYS A 346 -3.73 -43.74 -11.11
N ASN A 347 -3.42 -43.86 -9.82
CA ASN A 347 -3.85 -44.98 -9.00
C ASN A 347 -5.33 -44.95 -8.58
N GLY A 348 -5.88 -43.76 -8.35
CA GLY A 348 -7.19 -43.63 -7.68
C GLY A 348 -7.06 -43.88 -6.19
N ASP A 349 -5.82 -43.80 -5.70
CA ASP A 349 -5.46 -44.13 -4.33
C ASP A 349 -5.87 -43.00 -3.37
N GLY A 350 -5.95 -41.78 -3.89
CA GLY A 350 -6.18 -40.61 -3.06
C GLY A 350 -4.92 -40.24 -2.29
N GLN A 351 -3.77 -40.67 -2.83
CA GLN A 351 -2.46 -40.47 -2.20
C GLN A 351 -1.41 -40.18 -3.26
N LEU A 352 -0.48 -39.28 -2.95
CA LEU A 352 0.60 -38.93 -3.87
C LEU A 352 1.97 -38.96 -3.18
N ASP A 353 3.02 -39.07 -4.00
CA ASP A 353 4.41 -39.03 -3.55
C ASP A 353 4.82 -37.58 -3.30
N ARG A 354 5.92 -37.36 -2.59
CA ARG A 354 6.41 -36.00 -2.33
C ARG A 354 6.68 -35.25 -3.64
N ALA A 355 7.44 -35.85 -4.55
CA ALA A 355 7.83 -35.22 -5.82
C ALA A 355 6.59 -34.81 -6.64
N GLU A 356 5.55 -35.63 -6.57
CA GLU A 356 4.31 -35.37 -7.31
C GLU A 356 3.50 -34.24 -6.68
N LEU A 357 3.55 -34.12 -5.34
CA LEU A 357 2.93 -32.99 -4.65
C LEU A 357 3.65 -31.70 -5.05
N ILE A 358 4.96 -31.79 -5.23
CA ILE A 358 5.77 -30.66 -5.69
C ILE A 358 5.45 -30.29 -7.15
N GLU A 359 5.35 -31.30 -8.01
CA GLU A 359 5.03 -31.08 -9.44
C GLU A 359 3.64 -30.48 -9.66
N GLY A 360 2.68 -30.96 -8.89
CA GLY A 360 1.30 -30.44 -8.91
C GLY A 360 1.18 -29.08 -8.26
N TYR A 361 1.98 -28.83 -7.23
CA TYR A 361 2.07 -27.50 -6.62
C TYR A 361 2.78 -26.53 -7.57
N LYS A 362 3.85 -26.99 -8.22
CA LYS A 362 4.55 -26.20 -9.27
C LYS A 362 3.60 -25.91 -10.42
N GLU A 363 2.83 -26.94 -10.77
CA GLU A 363 1.81 -26.85 -11.81
C GLU A 363 0.71 -25.85 -11.43
N LEU A 364 0.40 -25.77 -10.13
CA LEU A 364 -0.55 -24.76 -9.66
C LEU A 364 -0.05 -23.36 -10.03
N MET A 365 1.25 -23.11 -9.84
CA MET A 365 1.87 -21.85 -10.27
C MET A 365 2.00 -21.71 -11.80
N ARG A 366 1.76 -22.79 -12.54
CA ARG A 366 1.72 -22.79 -14.00
C ARG A 366 3.11 -22.58 -14.60
N ASP A 371 2.19 -16.04 -6.11
CA ASP A 371 3.44 -16.81 -6.18
C ASP A 371 4.65 -15.91 -5.98
N ALA A 372 4.46 -14.80 -5.28
CA ALA A 372 5.53 -13.85 -5.00
C ALA A 372 6.66 -14.53 -4.24
N SER A 373 6.30 -15.31 -3.21
CA SER A 373 7.26 -16.06 -2.39
C SER A 373 7.96 -17.16 -3.18
N MET A 374 7.24 -17.75 -4.12
CA MET A 374 7.66 -18.98 -4.79
C MET A 374 8.47 -18.64 -6.04
N LEU A 375 9.63 -18.03 -5.83
CA LEU A 375 10.44 -17.45 -6.91
C LEU A 375 11.12 -18.49 -7.78
N ASP A 376 11.32 -19.70 -7.23
CA ASP A 376 11.96 -20.78 -7.96
C ASP A 376 11.44 -22.15 -7.47
N ALA A 377 11.95 -23.23 -8.08
CA ALA A 377 11.59 -24.60 -7.70
C ALA A 377 11.98 -24.92 -6.26
N SER A 378 13.07 -24.31 -5.79
CA SER A 378 13.55 -24.48 -4.42
C SER A 378 12.63 -23.84 -3.38
N ALA A 379 11.98 -22.73 -3.75
CA ALA A 379 11.06 -22.03 -2.88
C ALA A 379 9.86 -22.93 -2.55
N VAL A 380 9.33 -23.55 -3.59
CA VAL A 380 8.16 -24.41 -3.47
C VAL A 380 8.41 -25.65 -2.60
N GLU A 381 9.58 -26.27 -2.79
CA GLU A 381 9.96 -27.46 -2.01
C GLU A 381 9.93 -27.21 -0.52
N HIS A 382 10.35 -26.01 -0.11
CA HIS A 382 10.30 -25.61 1.29
C HIS A 382 8.87 -25.52 1.76
N GLU A 383 8.03 -24.82 0.99
CA GLU A 383 6.60 -24.68 1.31
C GLU A 383 5.89 -26.04 1.38
N VAL A 384 6.16 -26.91 0.42
CA VAL A 384 5.65 -28.28 0.42
C VAL A 384 6.10 -29.04 1.69
N ASP A 385 7.40 -28.88 2.03
CA ASP A 385 7.97 -29.54 3.21
C ASP A 385 7.44 -28.96 4.52
N GLN A 386 7.15 -27.66 4.55
CA GLN A 386 6.49 -27.05 5.71
C GLN A 386 5.10 -27.64 5.96
N VAL A 387 4.32 -27.79 4.89
CA VAL A 387 2.97 -28.36 5.00
C VAL A 387 3.03 -29.80 5.50
N LEU A 388 3.92 -30.60 4.92
CA LEU A 388 4.14 -31.95 5.41
C LEU A 388 4.58 -31.95 6.89
N ASP A 389 5.50 -31.05 7.25
CA ASP A 389 5.97 -30.95 8.63
C ASP A 389 4.98 -30.15 9.48
N ILE A 399 1.50 -39.18 1.32
CA ILE A 399 0.22 -39.62 1.90
C ILE A 399 -0.96 -38.94 1.17
N GLU A 400 -2.04 -38.62 1.90
CA GLU A 400 -3.35 -38.34 1.28
C GLU A 400 -3.53 -36.91 0.78
N TYR A 401 -3.53 -36.72 -0.55
CA TYR A 401 -3.42 -35.38 -1.14
C TYR A 401 -4.51 -34.43 -0.66
N SER A 402 -5.70 -34.97 -0.43
CA SER A 402 -6.83 -34.21 0.11
C SER A 402 -6.54 -33.57 1.46
N GLU A 403 -5.67 -34.17 2.26
CA GLU A 403 -5.30 -33.61 3.56
C GLU A 403 -4.28 -32.49 3.37
N PHE A 404 -3.25 -32.76 2.57
CA PHE A 404 -2.27 -31.74 2.18
C PHE A 404 -2.94 -30.47 1.64
N VAL A 405 -3.97 -30.62 0.83
CA VAL A 405 -4.67 -29.49 0.24
C VAL A 405 -5.29 -28.60 1.33
N THR A 406 -6.05 -29.21 2.24
CA THR A 406 -6.66 -28.49 3.34
C THR A 406 -5.61 -27.66 4.09
N VAL A 407 -4.60 -28.34 4.62
CA VAL A 407 -3.57 -27.69 5.43
C VAL A 407 -2.82 -26.60 4.66
N ALA A 408 -2.44 -26.88 3.41
CA ALA A 408 -1.69 -25.91 2.59
C ALA A 408 -2.44 -24.59 2.37
N MET A 409 -3.78 -24.70 2.28
CA MET A 409 -4.66 -23.54 2.17
C MET A 409 -5.05 -23.06 3.58
N ASP A 410 -5.67 -23.94 4.38
CA ASP A 410 -6.03 -23.63 5.79
C ASP A 410 -4.98 -22.82 6.54
N ARG A 411 -3.70 -23.09 6.25
CA ARG A 411 -2.59 -22.26 6.73
C ARG A 411 -2.82 -20.83 6.27
N LYS A 412 -2.87 -20.64 4.95
CA LYS A 412 -3.11 -19.32 4.35
C LYS A 412 -4.45 -18.69 4.81
N THR A 413 -5.48 -19.51 5.00
CA THR A 413 -6.79 -19.06 5.49
C THR A 413 -6.71 -18.56 6.93
N LEU A 414 -6.03 -19.31 7.79
CA LEU A 414 -5.82 -18.89 9.17
C LEU A 414 -4.86 -17.70 9.22
N LEU A 415 -3.81 -17.75 8.38
CA LEU A 415 -2.85 -16.63 8.26
C LEU A 415 -3.52 -15.30 7.90
N SER A 416 -4.51 -15.35 7.00
CA SER A 416 -5.23 -14.14 6.54
C SER A 416 -6.20 -13.61 7.60
N ARG A 417 -6.84 -14.51 8.34
CA ARG A 417 -7.75 -14.15 9.43
C ARG A 417 -7.04 -13.32 10.50
N GLU A 418 -5.80 -13.68 10.81
CA GLU A 418 -5.09 -13.07 11.92
C GLU A 418 -4.71 -11.62 11.64
N ARG A 419 -4.35 -11.32 10.39
CA ARG A 419 -4.08 -9.94 9.96
C ARG A 419 -5.34 -9.08 10.11
N LEU A 420 -6.48 -9.63 9.70
CA LEU A 420 -7.79 -8.98 9.89
C LEU A 420 -8.10 -8.73 11.36
N GLU A 421 -7.88 -9.73 12.20
CA GLU A 421 -8.10 -9.60 13.64
C GLU A 421 -7.27 -8.48 14.26
N ARG A 422 -5.98 -8.45 13.93
CA ARG A 422 -5.09 -7.39 14.42
C ARG A 422 -5.60 -6.00 14.04
N ALA A 423 -6.07 -5.82 12.80
CA ALA A 423 -6.52 -4.51 12.36
C ALA A 423 -7.79 -4.13 13.09
N PHE A 424 -8.70 -5.08 13.25
CA PHE A 424 -9.90 -4.87 14.05
C PHE A 424 -9.53 -4.46 15.49
N ARG A 425 -8.59 -5.14 16.13
CA ARG A 425 -8.17 -4.75 17.50
C ARG A 425 -7.61 -3.33 17.53
N MET A 426 -6.78 -3.00 16.55
CA MET A 426 -6.15 -1.69 16.47
C MET A 426 -7.20 -0.62 16.28
N PHE A 427 -8.16 -0.87 15.40
CA PHE A 427 -9.25 0.08 15.18
C PHE A 427 -10.09 0.28 16.45
N ASP A 428 -10.38 -0.81 17.16
CA ASP A 428 -11.13 -0.77 18.42
C ASP A 428 -10.23 -0.23 19.53
N SER A 429 -9.97 1.07 19.50
CA SER A 429 -8.97 1.69 20.38
C SER A 429 -9.36 1.78 21.88
N ASP A 430 -10.65 1.79 22.20
CA ASP A 430 -11.10 1.75 23.61
C ASP A 430 -11.36 0.32 24.13
N ASN A 431 -10.94 -0.69 23.35
CA ASN A 431 -11.02 -2.08 23.75
C ASN A 431 -12.44 -2.52 24.15
N SER A 432 -13.45 -1.99 23.45
CA SER A 432 -14.84 -2.37 23.72
C SER A 432 -15.17 -3.74 23.12
N GLY A 433 -14.39 -4.18 22.14
CA GLY A 433 -14.64 -5.43 21.43
C GLY A 433 -15.67 -5.32 20.32
N LYS A 434 -16.22 -4.13 20.12
CA LYS A 434 -17.25 -3.88 19.11
C LYS A 434 -16.83 -2.81 18.10
N ILE A 435 -17.49 -2.81 16.95
CA ILE A 435 -17.44 -1.70 15.98
C ILE A 435 -18.90 -1.30 15.78
N SER A 436 -19.20 -0.01 15.88
CA SER A 436 -20.58 0.47 15.77
C SER A 436 -21.01 0.62 14.30
N SER A 437 -22.30 0.83 14.10
CA SER A 437 -22.86 1.07 12.75
C SER A 437 -22.20 2.22 12.01
N THR A 438 -22.04 3.37 12.69
CA THR A 438 -21.39 4.54 12.11
C THR A 438 -19.99 4.17 11.63
N GLU A 439 -19.25 3.46 12.46
CA GLU A 439 -17.90 3.05 12.12
C GLU A 439 -17.90 2.08 10.93
N LEU A 440 -18.80 1.12 10.92
CA LEU A 440 -18.90 0.22 9.78
C LEU A 440 -19.09 0.97 8.48
N ALA A 441 -19.95 1.99 8.51
CA ALA A 441 -20.25 2.83 7.34
C ALA A 441 -19.03 3.58 6.84
N THR A 442 -18.22 4.11 7.76
CA THR A 442 -16.96 4.74 7.42
C THR A 442 -16.01 3.70 6.82
N ILE A 443 -15.92 2.54 7.48
CA ILE A 443 -15.06 1.44 7.03
C ILE A 443 -15.46 0.88 5.67
N PHE A 444 -16.74 0.62 5.47
CA PHE A 444 -17.19 0.06 4.20
C PHE A 444 -17.18 1.09 3.06
N GLY A 445 -17.48 2.35 3.39
CA GLY A 445 -17.31 3.45 2.47
C GLY A 445 -15.89 3.59 1.91
N VAL A 446 -14.89 3.52 2.79
CA VAL A 446 -13.49 3.48 2.34
C VAL A 446 -13.22 2.23 1.50
N SER A 447 -13.90 1.13 1.82
CA SER A 447 -13.75 -0.15 1.10
C SER A 447 -14.62 -0.24 -0.16
N ASP A 448 -15.44 0.77 -0.39
CA ASP A 448 -16.30 0.82 -1.57
C ASP A 448 -17.29 -0.34 -1.65
N VAL A 449 -17.85 -0.70 -0.49
CA VAL A 449 -18.94 -1.66 -0.42
C VAL A 449 -20.22 -0.86 -0.24
N ASP A 450 -21.07 -0.88 -1.26
CA ASP A 450 -22.39 -0.23 -1.27
C ASP A 450 -23.15 -0.34 0.07
N SER A 451 -23.75 0.76 0.52
CA SER A 451 -24.38 0.82 1.84
C SER A 451 -25.56 -0.14 2.02
N GLU A 452 -26.39 -0.25 1.00
CA GLU A 452 -27.49 -1.21 1.00
C GLU A 452 -26.96 -2.65 1.07
N THR A 453 -25.83 -2.91 0.41
CA THR A 453 -25.26 -4.25 0.37
C THR A 453 -24.75 -4.71 1.74
N TRP A 454 -24.03 -3.88 2.48
CA TRP A 454 -23.48 -4.35 3.77
C TRP A 454 -24.50 -4.36 4.88
N LYS A 455 -25.35 -3.33 4.92
CA LYS A 455 -26.51 -3.31 5.82
C LYS A 455 -27.38 -4.57 5.65
N SER A 456 -27.60 -4.96 4.41
CA SER A 456 -28.29 -6.22 4.09
C SER A 456 -27.54 -7.44 4.65
N VAL A 457 -26.22 -7.45 4.49
CA VAL A 457 -25.38 -8.52 5.04
C VAL A 457 -25.44 -8.58 6.58
N LEU A 458 -25.44 -7.40 7.22
CA LEU A 458 -25.53 -7.32 8.68
C LEU A 458 -26.80 -8.00 9.23
N SER A 459 -27.93 -7.72 8.57
CA SER A 459 -29.23 -8.24 8.98
C SER A 459 -29.25 -9.77 8.93
N GLU A 460 -28.63 -10.35 7.91
CA GLU A 460 -28.60 -11.80 7.74
C GLU A 460 -27.72 -12.49 8.81
N VAL A 461 -26.65 -11.82 9.23
CA VAL A 461 -25.74 -12.36 10.25
C VAL A 461 -26.40 -12.37 11.64
N ASP A 462 -26.68 -11.18 12.18
CA ASP A 462 -27.37 -11.07 13.47
C ASP A 462 -28.68 -10.29 13.34
N LYS A 463 -29.79 -10.96 13.63
CA LYS A 463 -31.11 -10.33 13.55
C LYS A 463 -31.26 -9.19 14.57
N ASN A 464 -31.22 -9.52 15.86
CA ASN A 464 -31.47 -8.54 16.93
C ASN A 464 -30.40 -7.45 16.99
N ASN A 465 -29.13 -7.85 16.92
CA ASN A 465 -28.05 -6.97 16.46
C ASN A 465 -27.60 -5.81 17.39
N ASP A 466 -28.50 -4.88 17.69
CA ASP A 466 -28.23 -3.75 18.60
C ASP A 466 -27.22 -2.72 18.04
N GLY A 467 -27.09 -2.66 16.71
CA GLY A 467 -26.28 -1.63 16.04
C GLY A 467 -24.77 -1.71 16.17
N GLU A 468 -24.25 -2.78 16.76
CA GLU A 468 -22.81 -2.99 16.85
C GLU A 468 -22.49 -4.45 16.57
N VAL A 469 -21.27 -4.68 16.09
CA VAL A 469 -20.80 -6.00 15.73
C VAL A 469 -19.48 -6.29 16.46
N ASP A 470 -19.31 -7.53 16.92
CA ASP A 470 -18.06 -7.96 17.52
C ASP A 470 -17.20 -8.50 16.39
N PHE A 471 -16.03 -9.04 16.71
CA PHE A 471 -15.13 -9.44 15.65
C PHE A 471 -15.67 -10.61 14.81
N ASP A 472 -16.21 -11.63 15.46
CA ASP A 472 -16.71 -12.77 14.69
C ASP A 472 -17.85 -12.34 13.75
N GLU A 473 -18.64 -11.36 14.18
CA GLU A 473 -19.73 -10.85 13.36
C GLU A 473 -19.18 -10.10 12.17
N PHE A 474 -18.20 -9.23 12.42
CA PHE A 474 -17.53 -8.52 11.35
C PHE A 474 -17.01 -9.51 10.31
N GLN A 475 -16.24 -10.51 10.75
CA GLN A 475 -15.69 -11.55 9.85
C GLN A 475 -16.78 -12.25 9.05
N GLN A 476 -17.86 -12.66 9.74
CA GLN A 476 -19.02 -13.26 9.06
C GLN A 476 -19.60 -12.34 7.99
N MET A 477 -19.69 -11.04 8.27
CA MET A 477 -20.18 -10.08 7.29
C MET A 477 -19.30 -10.09 6.04
N LEU A 478 -17.98 -10.10 6.24
CA LEU A 478 -17.05 -10.13 5.12
C LEU A 478 -17.12 -11.42 4.31
N LEU A 479 -17.39 -12.53 4.99
CA LEU A 479 -17.54 -13.80 4.26
C LEU A 479 -18.75 -13.71 3.35
N LYS A 480 -19.82 -13.11 3.84
CA LYS A 480 -21.05 -12.96 3.05
C LYS A 480 -20.91 -11.90 1.96
N LEU A 481 -19.90 -11.04 2.09
CA LEU A 481 -19.57 -10.08 1.05
C LEU A 481 -18.63 -10.65 -0.01
N CYS A 482 -18.21 -11.91 0.10
CA CYS A 482 -17.48 -12.56 -0.97
C CYS A 482 -18.09 -13.92 -1.24
N GLY A 483 -19.42 -13.95 -1.29
CA GLY A 483 -20.21 -15.13 -1.65
C GLY A 483 -20.02 -16.39 -0.82
N ASN A 484 -19.93 -16.24 0.50
CA ASN A 484 -19.77 -17.39 1.41
C ASN A 484 -20.66 -17.28 2.66
CAM B6A B . 7.39 -1.38 3.87
CAK B6A B . 6.08 -0.65 4.16
NAQ B6A B . 5.01 -1.65 4.28
CAL B6A B . 4.77 -2.27 2.99
CAN B6A B . 6.01 -3.08 2.61
CAX B6A B . 7.27 -2.18 2.59
CAO B6A B . 8.49 -3.08 2.46
NAY B6A B . 9.72 -2.33 2.13
CAW B6A B . 10.03 -1.79 0.97
CAJ B6A B . 9.38 -1.73 -0.26
CAU B6A B . 10.69 -2.11 2.98
NAA B6A B . 10.68 -2.51 4.26
NAP B6A B . 11.67 -1.42 2.38
CAV B6A B . 11.29 -1.21 1.12
CAI B6A B . 11.90 -0.58 0.05
CAH B6A B . 11.25 -0.51 -1.19
CAT B6A B . 9.99 -1.10 -1.33
CAR B6A B . 9.25 -1.04 -2.65
OAB B6A B . 8.02 -1.02 -2.64
CAS B6A B . 10.02 -1.01 -3.96
CAF B6A B . 9.58 -0.21 -5.01
CAD B6A B . 10.29 -0.18 -6.20
CAC B6A B . 11.42 -0.99 -6.35
CAE B6A B . 11.84 -1.80 -5.30
CAG B6A B . 11.15 -1.81 -4.11
#